data_4UIU
#
_entry.id   4UIU
#
_cell.length_a   24.548
_cell.length_b   33.942
_cell.length_c   39.465
_cell.angle_alpha   70.39
_cell.angle_beta   73.02
_cell.angle_gamma   74.10
#
_symmetry.space_group_name_H-M   'P 1'
#
loop_
_entity.id
_entity.type
_entity.pdbx_description
1 polymer 'BROMODOMAIN-CONTAINING PROTEIN 9'
2 non-polymer N-[1,1-bis(oxidanylidene)thian-4-yl]-7-(3,4-dimethoxyphenyl)-5-methyl-4-oxidanylidene-thieno[3,2-c]pyridine-2-carboxamide
3 water water
#
_entity_poly.entity_id   1
_entity_poly.type   'polypeptide(L)'
_entity_poly.pdbx_seq_one_letter_code
;GAENESTPIQQLLEHFLRQLQRKDPHGFFAFPVTDAIAPGYSMIIKHPMDFGTMKDKIVANEYKSVTEFKADFKLMCDNA
MTYNRPDTVYYKLAKKILHAGFKMMS
;
_entity_poly.pdbx_strand_id   A
#
loop_
_chem_comp.id
_chem_comp.type
_chem_comp.name
_chem_comp.formula
TVU non-polymer N-[1,1-bis(oxidanylidene)thian-4-yl]-7-(3,4-dimethoxyphenyl)-5-methyl-4-oxidanylidene-thieno[3,2-c]pyridine-2-carboxamide 'C22 H24 N2 O6 S2'
#
# COMPACT_ATOMS: atom_id res chain seq x y z
N SER A 6 -3.00 -22.13 -4.29
CA SER A 6 -2.18 -20.88 -4.31
C SER A 6 -1.11 -20.97 -5.39
N THR A 7 -1.13 -20.03 -6.33
CA THR A 7 -0.17 -20.01 -7.43
C THR A 7 1.19 -19.49 -6.97
N PRO A 8 2.24 -19.71 -7.77
CA PRO A 8 3.55 -19.15 -7.43
C PRO A 8 3.55 -17.63 -7.24
N ILE A 9 2.87 -16.89 -8.12
CA ILE A 9 2.79 -15.44 -7.98
C ILE A 9 2.08 -15.05 -6.68
N GLN A 10 1.00 -15.75 -6.34
CA GLN A 10 0.28 -15.47 -5.10
C GLN A 10 1.19 -15.67 -3.88
N GLN A 11 1.99 -16.74 -3.90
CA GLN A 11 2.92 -17.02 -2.81
C GLN A 11 3.97 -15.93 -2.68
N LEU A 12 4.52 -15.46 -3.80
CA LEU A 12 5.52 -14.38 -3.77
C LEU A 12 4.92 -13.07 -3.26
N LEU A 13 3.73 -12.72 -3.73
CA LEU A 13 3.10 -11.46 -3.34
C LEU A 13 2.68 -11.49 -1.87
N GLU A 14 2.26 -12.66 -1.38
CA GLU A 14 1.95 -12.82 0.04
CA GLU A 14 1.95 -12.82 0.04
C GLU A 14 3.20 -12.56 0.87
N HIS A 15 4.34 -13.07 0.39
CA HIS A 15 5.62 -12.84 1.04
C HIS A 15 6.01 -11.39 1.03
N PHE A 16 5.95 -10.76 -0.14
CA PHE A 16 6.24 -9.32 -0.24
C PHE A 16 5.33 -8.50 0.68
N LEU A 17 4.03 -8.81 0.66
CA LEU A 17 3.06 -8.06 1.47
C LEU A 17 3.36 -8.18 2.96
N ARG A 18 3.66 -9.40 3.42
CA ARG A 18 4.03 -9.61 4.83
C ARG A 18 5.21 -8.72 5.20
N GLN A 19 6.23 -8.69 4.35
CA GLN A 19 7.43 -7.91 4.63
C GLN A 19 7.18 -6.40 4.54
N LEU A 20 6.32 -5.97 3.62
CA LEU A 20 5.97 -4.56 3.52
C LEU A 20 5.19 -4.07 4.74
N GLN A 21 4.26 -4.89 5.22
CA GLN A 21 3.42 -4.51 6.38
C GLN A 21 4.21 -4.46 7.68
N ARG A 22 5.32 -5.21 7.76
CA ARG A 22 6.22 -5.11 8.91
C ARG A 22 6.80 -3.69 9.06
N LYS A 23 6.88 -2.96 7.95
CA LYS A 23 7.39 -1.59 7.94
C LYS A 23 6.33 -0.56 8.39
N ASP A 24 5.11 -1.03 8.64
CA ASP A 24 4.00 -0.19 9.09
C ASP A 24 3.42 -0.77 10.39
N PRO A 25 4.21 -0.74 11.49
CA PRO A 25 3.77 -1.37 12.72
C PRO A 25 2.51 -0.76 13.35
N HIS A 26 2.26 0.53 13.10
CA HIS A 26 1.03 1.20 13.58
C HIS A 26 -0.19 0.88 12.76
N GLY A 27 0.02 0.34 11.56
CA GLY A 27 -1.09 -0.02 10.68
C GLY A 27 -1.79 1.17 10.04
N PHE A 28 -1.04 2.25 9.79
CA PHE A 28 -1.58 3.41 9.08
C PHE A 28 -2.07 3.03 7.67
N PHE A 29 -1.45 2.00 7.09
CA PHE A 29 -1.76 1.56 5.74
C PHE A 29 -2.45 0.19 5.71
N ALA A 30 -2.92 -0.28 6.87
CA ALA A 30 -3.51 -1.63 6.99
C ALA A 30 -4.90 -1.73 6.37
N PHE A 31 -5.64 -0.62 6.36
CA PHE A 31 -7.02 -0.60 5.88
C PHE A 31 -7.26 0.70 5.10
N PRO A 32 -8.34 0.75 4.29
CA PRO A 32 -8.64 2.01 3.59
C PRO A 32 -8.78 3.20 4.53
N VAL A 33 -8.30 4.36 4.10
CA VAL A 33 -8.55 5.59 4.83
C VAL A 33 -10.02 5.95 4.65
N THR A 34 -10.78 5.90 5.74
CA THR A 34 -12.21 6.19 5.68
C THR A 34 -12.45 7.69 5.76
N ASP A 35 -13.61 8.12 5.26
CA ASP A 35 -14.05 9.50 5.44
C ASP A 35 -14.40 9.78 6.90
N ALA A 36 -14.70 8.73 7.67
CA ALA A 36 -14.86 8.87 9.12
C ALA A 36 -13.54 9.30 9.76
N ILE A 37 -12.44 8.70 9.31
CA ILE A 37 -11.11 9.06 9.78
C ILE A 37 -10.66 10.42 9.24
N ALA A 38 -10.85 10.62 7.93
CA ALA A 38 -10.45 11.85 7.27
C ALA A 38 -11.56 12.33 6.34
N PRO A 39 -12.49 13.16 6.87
CA PRO A 39 -13.59 13.66 6.04
C PRO A 39 -13.10 14.30 4.75
N GLY A 40 -13.74 13.92 3.63
CA GLY A 40 -13.36 14.44 2.33
C GLY A 40 -12.22 13.71 1.62
N TYR A 41 -11.67 12.67 2.26
CA TYR A 41 -10.58 11.91 1.64
C TYR A 41 -11.01 11.34 0.28
N SER A 42 -12.20 10.73 0.23
CA SER A 42 -12.71 10.11 -1.00
C SER A 42 -12.97 11.10 -2.14
N MET A 43 -13.06 12.39 -1.81
CA MET A 43 -13.32 13.42 -2.80
C MET A 43 -12.02 14.01 -3.36
N ILE A 44 -10.90 13.71 -2.70
CA ILE A 44 -9.58 14.17 -3.14
C ILE A 44 -8.80 13.04 -3.83
N ILE A 45 -8.75 11.87 -3.19
CA ILE A 45 -8.01 10.72 -3.70
C ILE A 45 -8.94 9.85 -4.54
N LYS A 46 -8.70 9.83 -5.84
CA LYS A 46 -9.59 9.17 -6.80
C LYS A 46 -9.42 7.65 -6.86
N HIS A 47 -8.21 7.17 -6.56
CA HIS A 47 -7.92 5.74 -6.59
C HIS A 47 -7.26 5.32 -5.30
N PRO A 48 -8.05 5.14 -4.23
CA PRO A 48 -7.49 4.74 -2.94
CA PRO A 48 -7.47 4.75 -2.94
C PRO A 48 -6.87 3.35 -2.97
N MET A 49 -5.87 3.13 -2.14
CA MET A 49 -5.25 1.81 -2.02
C MET A 49 -4.68 1.67 -0.62
N ASP A 50 -4.61 0.43 -0.16
CA ASP A 50 -4.06 0.12 1.16
C ASP A 50 -3.65 -1.36 1.16
N PHE A 51 -2.87 -1.75 2.17
CA PHE A 51 -2.39 -3.12 2.31
C PHE A 51 -3.50 -4.16 2.42
N GLY A 52 -4.61 -3.81 3.09
CA GLY A 52 -5.74 -4.72 3.27
C GLY A 52 -6.42 -5.06 1.96
N THR A 53 -6.63 -4.04 1.14
CA THR A 53 -7.17 -4.22 -0.21
C THR A 53 -6.20 -5.03 -1.06
N MET A 54 -4.91 -4.78 -0.91
CA MET A 54 -3.88 -5.53 -1.66
C MET A 54 -3.91 -7.01 -1.28
N LYS A 55 -4.10 -7.31 0.00
CA LYS A 55 -4.27 -8.69 0.47
C LYS A 55 -5.48 -9.34 -0.21
N ASP A 56 -6.61 -8.64 -0.22
CA ASP A 56 -7.81 -9.17 -0.84
C ASP A 56 -7.60 -9.42 -2.33
N LYS A 57 -6.89 -8.53 -3.00
CA LYS A 57 -6.59 -8.70 -4.42
C LYS A 57 -5.67 -9.90 -4.68
N ILE A 58 -4.73 -10.16 -3.78
CA ILE A 58 -3.89 -11.37 -3.89
C ILE A 58 -4.76 -12.62 -3.76
N VAL A 59 -5.61 -12.65 -2.73
CA VAL A 59 -6.48 -13.80 -2.47
C VAL A 59 -7.44 -14.05 -3.63
N ALA A 60 -7.92 -12.97 -4.25
CA ALA A 60 -8.79 -13.06 -5.43
C ALA A 60 -8.01 -13.37 -6.71
N ASN A 61 -6.68 -13.43 -6.62
CA ASN A 61 -5.80 -13.68 -7.76
C ASN A 61 -5.91 -12.60 -8.84
N GLU A 62 -6.05 -11.36 -8.39
CA GLU A 62 -6.22 -10.21 -9.30
C GLU A 62 -4.90 -9.66 -9.84
N TYR A 63 -3.79 -9.99 -9.18
CA TYR A 63 -2.48 -9.56 -9.65
C TYR A 63 -1.91 -10.61 -10.59
N LYS A 64 -1.78 -10.27 -11.86
CA LYS A 64 -1.27 -11.21 -12.86
C LYS A 64 0.22 -11.06 -13.10
N SER A 65 0.82 -10.04 -12.48
CA SER A 65 2.26 -9.84 -12.51
C SER A 65 2.70 -9.15 -11.23
N VAL A 66 3.99 -9.27 -10.93
CA VAL A 66 4.58 -8.56 -9.79
C VAL A 66 4.55 -7.05 -10.04
N THR A 67 4.69 -6.64 -11.29
CA THR A 67 4.61 -5.22 -11.67
C THR A 67 3.28 -4.60 -11.24
N GLU A 68 2.17 -5.31 -11.45
CA GLU A 68 0.85 -4.82 -11.04
C GLU A 68 0.77 -4.62 -9.52
N PHE A 69 1.31 -5.57 -8.77
CA PHE A 69 1.37 -5.48 -7.30
C PHE A 69 2.18 -4.25 -6.86
N LYS A 70 3.36 -4.08 -7.45
CA LYS A 70 4.22 -2.93 -7.14
C LYS A 70 3.54 -1.60 -7.46
N ALA A 71 2.76 -1.59 -8.54
CA ALA A 71 2.00 -0.39 -8.92
C ALA A 71 0.97 -0.01 -7.86
N ASP A 72 0.31 -1.00 -7.27
CA ASP A 72 -0.65 -0.73 -6.19
C ASP A 72 0.06 -0.24 -4.93
N PHE A 73 1.21 -0.82 -4.61
CA PHE A 73 2.01 -0.35 -3.49
C PHE A 73 2.43 1.10 -3.67
N LYS A 74 2.91 1.44 -4.86
CA LYS A 74 3.30 2.82 -5.16
C LYS A 74 2.10 3.77 -5.11
N LEU A 75 0.95 3.31 -5.62
CA LEU A 75 -0.28 4.11 -5.57
C LEU A 75 -0.64 4.47 -4.13
N MET A 76 -0.59 3.48 -3.24
CA MET A 76 -0.86 3.69 -1.82
C MET A 76 0.05 4.78 -1.25
N CYS A 77 1.35 4.68 -1.54
CA CYS A 77 2.33 5.64 -1.04
C CYS A 77 2.16 7.02 -1.67
N ASP A 78 1.94 7.05 -2.99
CA ASP A 78 1.70 8.31 -3.70
C ASP A 78 0.46 9.04 -3.16
N ASN A 79 -0.60 8.29 -2.88
CA ASN A 79 -1.83 8.86 -2.32
C ASN A 79 -1.53 9.60 -1.01
N ALA A 80 -0.79 8.93 -0.12
CA ALA A 80 -0.41 9.50 1.17
C ALA A 80 0.46 10.75 1.01
N MET A 81 1.30 10.75 -0.02
CA MET A 81 2.20 11.89 -0.26
C MET A 81 1.55 13.04 -1.03
N THR A 82 0.33 12.83 -1.54
CA THR A 82 -0.46 13.90 -2.16
C THR A 82 -1.47 14.48 -1.16
N TYR A 83 -2.11 13.60 -0.39
CA TYR A 83 -3.14 14.03 0.56
C TYR A 83 -2.55 14.77 1.76
N ASN A 84 -1.40 14.30 2.21
CA ASN A 84 -0.76 14.82 3.42
C ASN A 84 0.40 15.75 3.10
N ARG A 85 0.62 16.73 3.97
CA ARG A 85 1.73 17.66 3.84
C ARG A 85 3.03 16.95 4.25
N PRO A 86 4.18 17.41 3.74
CA PRO A 86 5.47 16.78 4.04
C PRO A 86 5.79 16.59 5.53
N ASP A 87 5.33 17.50 6.37
CA ASP A 87 5.67 17.48 7.81
C ASP A 87 4.83 16.51 8.66
N THR A 88 4.02 15.66 8.03
CA THR A 88 3.13 14.74 8.75
C THR A 88 3.71 13.34 8.85
N VAL A 89 3.24 12.58 9.83
CA VAL A 89 3.69 11.20 10.03
C VAL A 89 3.33 10.32 8.82
N TYR A 90 2.19 10.59 8.20
CA TYR A 90 1.70 9.77 7.09
C TYR A 90 2.55 9.94 5.84
N TYR A 91 2.89 11.19 5.51
CA TYR A 91 3.76 11.49 4.38
C TYR A 91 5.14 10.86 4.59
N LYS A 92 5.71 11.09 5.78
CA LYS A 92 7.06 10.61 6.09
C LYS A 92 7.16 9.08 6.00
N LEU A 93 6.16 8.39 6.56
CA LEU A 93 6.15 6.93 6.51
C LEU A 93 5.94 6.44 5.08
N ALA A 94 5.03 7.08 4.36
CA ALA A 94 4.76 6.73 2.96
C ALA A 94 6.04 6.79 2.13
N LYS A 95 6.79 7.87 2.26
CA LYS A 95 8.03 8.05 1.51
C LYS A 95 9.08 7.03 1.92
N LYS A 96 9.21 6.81 3.22
CA LYS A 96 10.15 5.83 3.77
C LYS A 96 9.88 4.43 3.24
N ILE A 97 8.63 3.98 3.34
CA ILE A 97 8.30 2.60 2.97
C ILE A 97 8.27 2.40 1.45
N LEU A 98 7.95 3.46 0.70
CA LEU A 98 8.00 3.40 -0.76
C LEU A 98 9.39 2.98 -1.22
N HIS A 99 10.40 3.72 -0.78
CA HIS A 99 11.78 3.43 -1.17
C HIS A 99 12.29 2.15 -0.60
N ALA A 100 12.08 1.94 0.70
CA ALA A 100 12.50 0.70 1.36
C ALA A 100 11.81 -0.53 0.78
N GLY A 101 10.53 -0.38 0.46
CA GLY A 101 9.73 -1.46 -0.11
C GLY A 101 10.20 -1.89 -1.47
N PHE A 102 10.44 -0.93 -2.36
CA PHE A 102 10.94 -1.24 -3.70
C PHE A 102 12.35 -1.85 -3.64
N LYS A 103 13.19 -1.35 -2.74
CA LYS A 103 14.52 -1.95 -2.51
C LYS A 103 14.41 -3.41 -2.10
N MET A 104 13.53 -3.67 -1.13
CA MET A 104 13.31 -5.02 -0.60
CA MET A 104 13.32 -5.02 -0.60
C MET A 104 12.87 -5.99 -1.70
N MET A 105 11.92 -5.54 -2.53
CA MET A 105 11.40 -6.38 -3.61
C MET A 105 12.41 -6.55 -4.75
N SER A 106 13.40 -5.65 -4.82
CA SER A 106 14.52 -5.75 -5.76
C SER A 106 14.05 -5.75 -7.22
O5 TVU B . -1.47 17.00 5.85
S1 TVU B . -2.72 17.01 6.58
O4 TVU B . -3.17 18.25 7.13
C19 TVU B . -3.98 16.31 5.58
C18 TVU B . -5.27 16.07 6.39
C20 TVU B . -2.65 15.78 7.85
C21 TVU B . -4.01 15.65 8.52
C17 TVU B . -5.15 15.19 7.63
N1 TVU B . -4.99 13.77 7.27
C16 TVU B . -5.36 12.76 8.08
O3 TVU B . -6.01 12.93 9.12
C14 TVU B . -4.97 11.40 7.65
C13 TVU B . -4.29 10.93 6.57
S TVU B . -5.41 10.11 8.73
C15 TVU B . -4.59 8.94 7.73
C12 TVU B . -4.05 9.54 6.61
C11 TVU B . -3.30 8.72 5.66
O2 TVU B . -2.86 9.14 4.61
N TVU B . -3.12 7.37 5.98
C10 TVU B . -2.34 6.57 5.04
C9 TVU B . -3.64 6.82 7.10
C8 TVU B . -4.40 7.50 8.00
C4 TVU B . -5.00 6.79 9.15
C3 TVU B . -5.05 7.37 10.41
C2 TVU B . -5.61 6.70 11.48
C5 TVU B . -5.52 5.51 8.97
C6 TVU B . -6.07 4.82 10.03
O1 TVU B . -6.55 3.54 9.96
C7 TVU B . -5.95 2.66 9.02
C1 TVU B . -6.14 5.43 11.30
O TVU B . -6.77 4.70 12.27
C TVU B . -7.73 5.36 13.07
#